data_6YY9
#
_entry.id   6YY9
#
_cell.length_a   47.792
_cell.length_b   64.761
_cell.length_c   48.069
_cell.angle_alpha   90.000
_cell.angle_beta   110.640
_cell.angle_gamma   90.000
#
_symmetry.space_group_name_H-M   'P 1 21 1'
#
loop_
_entity.id
_entity.type
_entity.pdbx_description
1 polymer 'Phosphoribosylaminoimidazole-succinocarboxamide synthase'
2 non-polymer 4-azanyl-6-[1-(pyridin-3-ylmethyl)pyrazol-4-yl]pyrimidine-5-carbonitrile
3 non-polymer 'SULFATE ION'
4 non-polymer 1,2-ETHANEDIOL
5 water water
#
_entity_poly.entity_id   1
_entity_poly.type   'polypeptide(L)'
_entity_poly.pdbx_seq_one_letter_code
;MSHHHHHHSMRPSLSDYQHVASGKVRELYRVDDEHLLFVATDRISAFDFVLDTPIPDKGRILTAMSVFFFGLLTVPNHLA
GPPDDPRIPEEVLGRALLVRRLDMLPVECVARGYLTGSGLLDYQRTGAVCGHVLPQGLGEASRLDPPLFTPATKADIGEH
DMNVDFAAVVGLVGAVRANQLRDETIKIYTRAAAHALHKGIILADTKFEFGVDIEGNLVLADEVFTPDSSRYWDAAHYQP
GVVQDSFDKQFVRNWLTGPESGWDRASDTPPPPLPDEVAVATRERYIEAYERISGLSFSDWIGPSA
;
_entity_poly.pdbx_strand_id   A
#
loop_
_chem_comp.id
_chem_comp.type
_chem_comp.name
_chem_comp.formula
EDO non-polymer 1,2-ETHANEDIOL 'C2 H6 O2'
Q0E non-polymer 4-azanyl-6-[1-(pyridin-3-ylmethyl)pyrazol-4-yl]pyrimidine-5-carbonitrile 'C14 H11 N7'
SO4 non-polymer 'SULFATE ION' 'O4 S -2'
#
# COMPACT_ATOMS: atom_id res chain seq x y z
N MET A 10 -31.50 -1.94 9.22
CA MET A 10 -30.43 -2.90 9.43
C MET A 10 -29.34 -2.76 8.37
N ARG A 11 -28.14 -3.24 8.69
CA ARG A 11 -27.05 -3.26 7.71
C ARG A 11 -27.29 -4.40 6.73
N PRO A 12 -26.98 -4.18 5.46
CA PRO A 12 -27.14 -5.26 4.47
C PRO A 12 -26.15 -6.38 4.71
N SER A 13 -26.42 -7.54 4.10
CA SER A 13 -25.45 -8.60 4.08
C SER A 13 -24.47 -8.37 2.93
N LEU A 14 -23.23 -8.82 3.11
CA LEU A 14 -22.26 -8.78 2.03
C LEU A 14 -22.80 -9.52 0.79
N SER A 15 -23.59 -10.57 1.02
CA SER A 15 -24.18 -11.36 -0.05
C SER A 15 -25.16 -10.57 -0.91
N ASP A 16 -25.59 -9.39 -0.43
CA ASP A 16 -26.47 -8.50 -1.20
C ASP A 16 -25.72 -7.74 -2.29
N TYR A 17 -24.39 -7.75 -2.24
CA TYR A 17 -23.59 -7.00 -3.19
C TYR A 17 -22.86 -7.94 -4.15
N GLN A 18 -22.53 -7.45 -5.35
CA GLN A 18 -21.85 -8.30 -6.33
C GLN A 18 -20.33 -8.14 -6.29
N HIS A 19 -19.62 -9.23 -6.09
CA HIS A 19 -18.16 -9.24 -6.14
C HIS A 19 -17.69 -8.87 -7.55
N VAL A 20 -16.75 -7.93 -7.67
CA VAL A 20 -16.25 -7.53 -8.99
C VAL A 20 -14.75 -7.70 -9.15
N ALA A 21 -14.02 -7.78 -8.04
CA ALA A 21 -12.57 -7.88 -8.16
C ALA A 21 -11.97 -8.32 -6.85
N SER A 22 -10.89 -9.08 -6.97
CA SER A 22 -10.12 -9.50 -5.82
C SER A 22 -8.66 -9.33 -6.14
N GLY A 23 -7.90 -8.94 -5.13
CA GLY A 23 -6.47 -9.01 -5.19
C GLY A 23 -6.03 -10.03 -4.16
N LYS A 24 -4.76 -10.00 -3.79
CA LYS A 24 -4.23 -10.96 -2.84
C LYS A 24 -4.97 -10.86 -1.50
N VAL A 25 -5.12 -9.64 -1.00
CA VAL A 25 -5.65 -9.44 0.34
C VAL A 25 -6.78 -8.41 0.42
N ARG A 26 -7.25 -7.92 -0.71
CA ARG A 26 -8.39 -7.02 -0.73
C ARG A 26 -9.47 -7.51 -1.67
N GLU A 27 -10.69 -7.02 -1.45
CA GLU A 27 -11.83 -7.41 -2.26
C GLU A 27 -12.63 -6.18 -2.62
N LEU A 28 -13.31 -6.23 -3.75
CA LEU A 28 -14.12 -5.11 -4.21
C LEU A 28 -15.52 -5.59 -4.60
N TYR A 29 -16.55 -4.87 -4.16
CA TYR A 29 -17.94 -5.22 -4.44
C TYR A 29 -18.69 -4.05 -5.03
N ARG A 30 -19.62 -4.33 -5.94
CA ARG A 30 -20.55 -3.33 -6.45
C ARG A 30 -21.70 -3.11 -5.48
N VAL A 31 -21.92 -1.86 -5.09
CA VAL A 31 -23.01 -1.48 -4.21
C VAL A 31 -24.20 -0.97 -5.04
N ASP A 32 -23.93 -0.03 -5.94
CA ASP A 32 -24.91 0.37 -6.95
C ASP A 32 -24.13 0.91 -8.16
N ASP A 33 -24.79 1.62 -9.07
CA ASP A 33 -24.14 2.01 -10.31
C ASP A 33 -22.98 2.99 -10.09
N GLU A 34 -23.00 3.69 -8.96
CA GLU A 34 -21.96 4.71 -8.71
C GLU A 34 -21.11 4.48 -7.46
N HIS A 35 -21.30 3.36 -6.77
CA HIS A 35 -20.55 3.09 -5.54
C HIS A 35 -20.06 1.66 -5.44
N LEU A 36 -18.92 1.52 -4.79
CA LEU A 36 -18.32 0.23 -4.51
C LEU A 36 -18.07 0.10 -3.02
N LEU A 37 -17.83 -1.14 -2.60
CA LEU A 37 -17.42 -1.46 -1.25
C LEU A 37 -16.01 -2.02 -1.31
N PHE A 38 -15.07 -1.31 -0.69
CA PHE A 38 -13.66 -1.67 -0.70
C PHE A 38 -13.34 -2.40 0.59
N VAL A 39 -12.99 -3.69 0.50
CA VAL A 39 -12.83 -4.53 1.68
C VAL A 39 -11.39 -5.01 1.89
N ALA A 40 -10.84 -4.72 3.06
CA ALA A 40 -9.54 -5.27 3.47
C ALA A 40 -9.75 -6.58 4.22
N THR A 41 -8.96 -7.59 3.89
CA THR A 41 -9.00 -8.87 4.62
C THR A 41 -7.88 -8.94 5.67
N ASP A 42 -7.85 -10.01 6.44
CA ASP A 42 -6.79 -10.23 7.41
C ASP A 42 -5.63 -11.03 6.80
N ARG A 43 -5.65 -11.28 5.50
CA ARG A 43 -4.58 -12.02 4.85
C ARG A 43 -3.30 -11.19 4.78
N ILE A 44 -2.15 -11.86 4.79
CA ILE A 44 -0.85 -11.21 4.69
C ILE A 44 -0.02 -11.91 3.62
N SER A 45 0.75 -11.12 2.88
CA SER A 45 1.63 -11.64 1.84
C SER A 45 3.08 -11.51 2.27
N ALA A 46 3.88 -12.54 2.00
CA ALA A 46 5.32 -12.47 2.18
C ALA A 46 6.01 -13.31 1.10
N PHE A 47 7.10 -12.77 0.56
CA PHE A 47 7.81 -13.42 -0.55
C PHE A 47 6.88 -13.77 -1.71
N ASP A 48 5.92 -12.88 -1.96
CA ASP A 48 4.94 -13.06 -3.05
C ASP A 48 4.05 -14.28 -2.88
N PHE A 49 3.88 -14.73 -1.64
CA PHE A 49 2.89 -15.74 -1.31
C PHE A 49 1.88 -15.17 -0.36
N VAL A 50 0.59 -15.37 -0.63
CA VAL A 50 -0.41 -15.14 0.39
C VAL A 50 -0.31 -16.29 1.38
N LEU A 51 -0.04 -15.97 2.64
CA LEU A 51 0.22 -16.99 3.65
C LEU A 51 -1.06 -17.65 4.15
N ASP A 52 -0.92 -18.85 4.71
CA ASP A 52 -2.07 -19.62 5.20
C ASP A 52 -2.71 -18.98 6.42
N THR A 53 -1.90 -18.29 7.20
CA THR A 53 -2.32 -17.79 8.50
C THR A 53 -2.71 -16.32 8.42
N PRO A 54 -3.94 -15.98 8.82
CA PRO A 54 -4.32 -14.57 8.84
C PRO A 54 -3.74 -13.84 10.06
N ILE A 55 -3.64 -12.52 9.98
CA ILE A 55 -3.23 -11.69 11.10
C ILE A 55 -4.46 -11.04 11.71
N PRO A 56 -4.79 -11.38 12.96
CA PRO A 56 -6.04 -10.85 13.52
C PRO A 56 -6.07 -9.33 13.51
N ASP A 57 -7.21 -8.78 13.08
CA ASP A 57 -7.47 -7.33 13.00
C ASP A 57 -6.67 -6.58 11.94
N LYS A 58 -5.89 -7.27 11.13
CA LYS A 58 -5.06 -6.57 10.13
C LYS A 58 -5.92 -5.74 9.16
N GLY A 59 -7.02 -6.30 8.68
CA GLY A 59 -7.91 -5.54 7.80
C GLY A 59 -8.45 -4.26 8.44
N ARG A 60 -8.84 -4.34 9.71
CA ARG A 60 -9.34 -3.16 10.42
C ARG A 60 -8.23 -2.13 10.66
N ILE A 61 -7.05 -2.59 11.04
CA ILE A 61 -5.95 -1.65 11.32
C ILE A 61 -5.53 -0.93 10.05
N LEU A 62 -5.44 -1.65 8.93
CA LEU A 62 -5.01 -1.01 7.69
C LEU A 62 -6.07 -0.05 7.16
N THR A 63 -7.34 -0.38 7.37
CA THR A 63 -8.42 0.52 6.98
C THR A 63 -8.34 1.80 7.83
N ALA A 64 -8.15 1.65 9.14
CA ALA A 64 -7.99 2.80 10.01
C ALA A 64 -6.83 3.68 9.55
N MET A 65 -5.71 3.05 9.19
CA MET A 65 -4.55 3.80 8.73
CA MET A 65 -4.53 3.77 8.70
C MET A 65 -4.85 4.58 7.45
N SER A 66 -5.50 3.93 6.49
CA SER A 66 -5.83 4.56 5.23
C SER A 66 -6.75 5.76 5.44
N VAL A 67 -7.77 5.59 6.27
CA VAL A 67 -8.70 6.66 6.59
C VAL A 67 -7.96 7.84 7.23
N PHE A 68 -7.02 7.55 8.13
CA PHE A 68 -6.25 8.63 8.72
C PHE A 68 -5.49 9.42 7.66
N PHE A 69 -4.78 8.73 6.77
CA PHE A 69 -4.00 9.43 5.76
C PHE A 69 -4.86 10.15 4.73
N PHE A 70 -6.00 9.59 4.33
CA PHE A 70 -6.93 10.32 3.46
C PHE A 70 -7.30 11.65 4.10
N GLY A 71 -7.53 11.66 5.41
CA GLY A 71 -7.90 12.88 6.12
C GLY A 71 -6.77 13.88 6.25
N LEU A 72 -5.55 13.37 6.31
CA LEU A 72 -4.36 14.21 6.39
C LEU A 72 -4.07 14.94 5.07
N LEU A 73 -4.32 14.27 3.96
CA LEU A 73 -4.05 14.82 2.64
C LEU A 73 -5.21 15.68 2.15
N THR A 74 -4.91 16.75 1.43
CA THR A 74 -5.95 17.69 1.02
C THR A 74 -6.60 17.33 -0.33
N VAL A 75 -6.05 16.34 -1.00
CA VAL A 75 -6.48 16.00 -2.35
C VAL A 75 -7.79 15.23 -2.39
N PRO A 76 -8.53 15.38 -3.50
CA PRO A 76 -9.77 14.61 -3.65
C PRO A 76 -9.51 13.12 -3.60
N ASN A 77 -10.39 12.40 -2.92
CA ASN A 77 -10.26 10.95 -2.83
C ASN A 77 -11.61 10.26 -3.02
N HIS A 78 -11.59 8.94 -3.10
CA HIS A 78 -12.79 8.22 -3.51
C HIS A 78 -13.72 7.85 -2.37
N LEU A 79 -13.41 8.23 -1.13
CA LEU A 79 -14.31 7.90 -0.01
C LEU A 79 -15.67 8.55 -0.22
N ALA A 80 -16.73 7.78 -0.01
CA ALA A 80 -18.10 8.24 -0.27
C ALA A 80 -19.00 8.16 0.94
N GLY A 81 -18.43 7.84 2.10
CA GLY A 81 -19.18 7.82 3.33
C GLY A 81 -18.26 7.57 4.50
N PRO A 82 -18.80 7.69 5.72
CA PRO A 82 -18.05 7.46 6.96
C PRO A 82 -17.75 5.98 7.17
N PRO A 83 -16.79 5.67 8.06
CA PRO A 83 -16.47 4.26 8.33
C PRO A 83 -17.61 3.45 8.90
N ASP A 84 -18.65 4.10 9.40
CA ASP A 84 -19.79 3.37 9.94
C ASP A 84 -21.04 3.52 9.06
N ASP A 85 -20.83 3.95 7.81
CA ASP A 85 -21.91 4.11 6.82
C ASP A 85 -22.85 2.89 6.83
N PRO A 86 -24.17 3.11 6.86
CA PRO A 86 -25.11 1.98 7.00
C PRO A 86 -25.07 1.02 5.82
N ARG A 87 -24.46 1.40 4.70
CA ARG A 87 -24.33 0.48 3.57
C ARG A 87 -23.25 -0.60 3.80
N ILE A 88 -22.44 -0.45 4.84
CA ILE A 88 -21.39 -1.40 5.15
C ILE A 88 -21.94 -2.56 5.99
N PRO A 89 -21.81 -3.80 5.50
CA PRO A 89 -22.26 -4.98 6.28
C PRO A 89 -21.56 -5.13 7.64
N GLU A 90 -22.27 -5.68 8.62
CA GLU A 90 -21.69 -5.89 9.94
C GLU A 90 -20.41 -6.72 9.89
N GLU A 91 -20.43 -7.74 9.05
CA GLU A 91 -19.32 -8.68 8.96
C GLU A 91 -17.99 -8.00 8.60
N VAL A 92 -18.03 -6.92 7.83
CA VAL A 92 -16.81 -6.23 7.42
C VAL A 92 -16.67 -4.83 8.06
N LEU A 93 -17.46 -4.55 9.09
CA LEU A 93 -17.41 -3.26 9.76
C LEU A 93 -16.01 -2.99 10.30
N GLY A 94 -15.46 -1.83 9.97
CA GLY A 94 -14.11 -1.47 10.37
C GLY A 94 -13.03 -1.82 9.37
N ARG A 95 -13.33 -2.73 8.44
CA ARG A 95 -12.35 -3.10 7.42
C ARG A 95 -12.92 -2.94 6.00
N ALA A 96 -13.94 -2.10 5.87
CA ALA A 96 -14.53 -1.83 4.57
C ALA A 96 -14.96 -0.38 4.47
N LEU A 97 -14.86 0.16 3.26
CA LEU A 97 -15.21 1.55 3.00
C LEU A 97 -16.14 1.65 1.79
N LEU A 98 -17.10 2.56 1.88
CA LEU A 98 -17.95 2.89 0.76
C LEU A 98 -17.21 3.92 -0.08
N VAL A 99 -17.00 3.62 -1.36
CA VAL A 99 -16.26 4.51 -2.25
C VAL A 99 -17.03 4.83 -3.53
N ARG A 100 -16.69 5.96 -4.14
CA ARG A 100 -17.27 6.34 -5.43
C ARG A 100 -16.63 5.55 -6.56
N ARG A 101 -17.44 5.10 -7.53
CA ARG A 101 -16.88 4.47 -8.71
C ARG A 101 -16.21 5.50 -9.63
N LEU A 102 -14.96 5.20 -10.01
CA LEU A 102 -14.19 6.07 -10.91
C LEU A 102 -13.77 5.35 -12.18
N ASP A 103 -13.37 6.10 -13.20
CA ASP A 103 -12.67 5.52 -14.33
C ASP A 103 -11.19 5.45 -13.97
N MET A 104 -10.71 4.24 -13.67
CA MET A 104 -9.35 4.10 -13.15
C MET A 104 -8.31 4.30 -14.24
N LEU A 105 -7.23 5.00 -13.90
CA LEU A 105 -6.10 5.15 -14.80
C LEU A 105 -5.14 3.97 -14.65
N PRO A 106 -4.69 3.41 -15.79
CA PRO A 106 -3.89 2.18 -15.82
C PRO A 106 -2.42 2.39 -15.51
N VAL A 107 -2.14 3.03 -14.37
CA VAL A 107 -0.77 3.31 -13.96
C VAL A 107 -0.63 3.08 -12.47
N GLU A 108 0.36 2.29 -12.06
CA GLU A 108 0.70 2.24 -10.65
C GLU A 108 1.64 3.39 -10.34
N CYS A 109 1.15 4.36 -9.60
CA CYS A 109 1.92 5.57 -9.30
C CYS A 109 2.76 5.39 -8.06
N VAL A 110 4.05 5.23 -8.25
CA VAL A 110 4.96 4.95 -7.15
C VAL A 110 5.88 6.12 -6.90
N ALA A 111 6.05 6.47 -5.64
CA ALA A 111 7.07 7.42 -5.21
C ALA A 111 8.11 6.69 -4.39
N ARG A 112 9.39 7.01 -4.60
CA ARG A 112 10.46 6.41 -3.78
C ARG A 112 11.28 7.48 -3.14
N GLY A 113 11.33 7.51 -1.82
CA GLY A 113 12.21 8.41 -1.11
C GLY A 113 13.56 7.79 -0.81
N TYR A 114 13.65 6.47 -0.98
CA TYR A 114 14.84 5.70 -0.67
C TYR A 114 14.97 4.62 -1.73
N LEU A 115 16.20 4.19 -1.97
CA LEU A 115 16.49 3.26 -3.03
C LEU A 115 16.52 1.82 -2.55
N THR A 116 15.49 1.04 -2.87
CA THR A 116 15.45 -0.36 -2.46
C THR A 116 14.59 -1.14 -3.47
N GLY A 117 14.51 -2.45 -3.31
CA GLY A 117 13.63 -3.25 -4.14
C GLY A 117 13.94 -3.16 -5.61
N SER A 118 12.90 -3.07 -6.44
CA SER A 118 13.13 -3.06 -7.88
C SER A 118 13.78 -1.74 -8.33
N GLY A 119 13.58 -0.66 -7.57
CA GLY A 119 14.26 0.60 -7.88
C GLY A 119 15.77 0.44 -7.77
N LEU A 120 16.22 -0.12 -6.65
CA LEU A 120 17.64 -0.40 -6.47
C LEU A 120 18.16 -1.35 -7.55
N LEU A 121 17.43 -2.41 -7.84
CA LEU A 121 17.88 -3.39 -8.84
C LEU A 121 18.05 -2.73 -10.22
N ASP A 122 17.08 -1.91 -10.62
CA ASP A 122 17.16 -1.23 -11.91
C ASP A 122 18.40 -0.33 -11.93
N TYR A 123 18.64 0.40 -10.84
CA TYR A 123 19.83 1.24 -10.73
C TYR A 123 21.13 0.42 -10.83
N GLN A 124 21.18 -0.72 -10.15
CA GLN A 124 22.39 -1.54 -10.16
C GLN A 124 22.63 -2.17 -11.53
N ARG A 125 21.57 -2.37 -12.29
CA ARG A 125 21.70 -2.91 -13.65
C ARG A 125 22.03 -1.87 -14.72
N THR A 126 21.54 -0.65 -14.56
CA THR A 126 21.54 0.33 -15.67
C THR A 126 22.00 1.73 -15.28
N GLY A 127 22.06 2.02 -13.99
CA GLY A 127 22.36 3.36 -13.49
C GLY A 127 21.16 4.30 -13.49
N ALA A 128 20.01 3.78 -13.87
CA ALA A 128 18.79 4.58 -13.97
C ALA A 128 17.59 3.82 -13.41
N VAL A 129 16.56 4.57 -13.02
CA VAL A 129 15.30 3.99 -12.58
C VAL A 129 14.15 4.73 -13.25
N CYS A 130 13.34 4.02 -14.04
CA CYS A 130 12.16 4.60 -14.69
C CYS A 130 12.48 5.89 -15.44
N GLY A 131 13.64 5.90 -16.10
CA GLY A 131 14.05 7.03 -16.92
C GLY A 131 14.90 8.06 -16.19
N HIS A 132 15.04 7.92 -14.89
CA HIS A 132 15.85 8.84 -14.09
C HIS A 132 17.28 8.34 -13.97
N VAL A 133 18.24 9.06 -14.55
CA VAL A 133 19.64 8.74 -14.41
C VAL A 133 20.15 9.32 -13.09
N LEU A 134 20.60 8.44 -12.20
CA LEU A 134 20.93 8.83 -10.83
C LEU A 134 22.42 9.05 -10.62
N PRO A 135 22.80 9.72 -9.52
CA PRO A 135 24.23 9.85 -9.20
C PRO A 135 24.90 8.48 -9.05
N GLN A 136 26.20 8.40 -9.32
CA GLN A 136 26.95 7.20 -9.02
C GLN A 136 27.12 7.08 -7.50
N GLY A 137 27.34 5.85 -7.03
CA GLY A 137 27.70 5.63 -5.65
C GLY A 137 26.56 5.36 -4.67
N LEU A 138 25.34 5.22 -5.17
CA LEU A 138 24.20 4.89 -4.31
C LEU A 138 24.12 3.40 -4.05
N GLY A 139 23.37 3.03 -3.02
CA GLY A 139 23.19 1.63 -2.71
C GLY A 139 21.93 1.38 -1.90
N GLU A 140 21.88 0.20 -1.30
CA GLU A 140 20.71 -0.21 -0.54
C GLU A 140 20.32 0.81 0.52
N ALA A 141 19.04 1.21 0.47
CA ALA A 141 18.43 2.16 1.39
C ALA A 141 19.06 3.55 1.34
N SER A 142 19.75 3.89 0.25
CA SER A 142 20.21 5.27 0.06
C SER A 142 19.03 6.23 0.01
N ARG A 143 19.15 7.38 0.65
CA ARG A 143 18.15 8.44 0.55
C ARG A 143 18.17 9.04 -0.86
N LEU A 144 16.99 9.23 -1.45
CA LEU A 144 16.81 9.93 -2.73
C LEU A 144 16.21 11.31 -2.49
N ASP A 145 16.92 12.35 -2.90
CA ASP A 145 16.37 13.70 -2.80
C ASP A 145 16.60 14.41 -4.12
N PRO A 146 15.51 14.84 -4.76
CA PRO A 146 14.11 14.69 -4.34
C PRO A 146 13.60 13.26 -4.50
N PRO A 147 12.41 12.96 -3.95
CA PRO A 147 11.85 11.62 -4.20
C PRO A 147 11.64 11.41 -5.69
N LEU A 148 11.73 10.17 -6.13
CA LEU A 148 11.51 9.81 -7.53
C LEU A 148 10.11 9.30 -7.82
N PHE A 149 9.57 9.71 -8.96
CA PHE A 149 8.36 9.12 -9.51
C PHE A 149 8.76 7.92 -10.36
N THR A 150 8.42 6.73 -9.90
CA THR A 150 8.86 5.49 -10.55
C THR A 150 7.64 4.64 -10.90
N PRO A 151 6.92 5.04 -11.97
CA PRO A 151 5.66 4.37 -12.31
C PRO A 151 5.84 2.94 -12.78
N ALA A 152 4.78 2.16 -12.65
CA ALA A 152 4.77 0.76 -13.07
C ALA A 152 3.44 0.39 -13.69
N THR A 153 3.41 -0.72 -14.42
CA THR A 153 2.16 -1.26 -14.97
C THR A 153 1.94 -2.69 -14.48
N LYS A 154 0.69 -3.07 -14.31
CA LYS A 154 0.36 -4.43 -13.88
C LYS A 154 0.66 -5.43 -14.98
N ALA A 155 1.20 -6.58 -14.60
CA ALA A 155 1.51 -7.65 -15.56
C ALA A 155 0.54 -8.81 -15.38
N ASP A 156 0.97 -10.00 -15.79
CA ASP A 156 0.14 -11.19 -15.65
C ASP A 156 -0.14 -11.50 -14.19
N ILE A 157 -1.14 -12.35 -13.93
CA ILE A 157 -1.62 -12.61 -12.57
C ILE A 157 -0.52 -13.02 -11.59
N GLY A 158 0.53 -13.67 -12.08
CA GLY A 158 1.56 -14.19 -11.20
C GLY A 158 2.81 -13.33 -11.18
N GLU A 159 2.92 -12.42 -12.15
CA GLU A 159 4.11 -11.60 -12.30
C GLU A 159 4.04 -10.31 -11.49
N HIS A 160 5.20 -9.78 -11.15
CA HIS A 160 5.27 -8.48 -10.48
C HIS A 160 4.95 -7.37 -11.46
N ASP A 161 4.62 -6.20 -10.94
CA ASP A 161 4.43 -5.03 -11.79
C ASP A 161 5.71 -4.71 -12.58
N MET A 162 5.55 -4.12 -13.76
CA MET A 162 6.67 -3.78 -14.61
C MET A 162 7.02 -2.29 -14.52
N ASN A 163 8.25 -1.97 -14.15
CA ASN A 163 8.66 -0.57 -14.08
C ASN A 163 8.74 0.06 -15.47
N VAL A 164 8.17 1.26 -15.62
CA VAL A 164 8.18 1.96 -16.90
C VAL A 164 8.65 3.40 -16.72
N ASP A 165 9.03 4.06 -17.81
CA ASP A 165 9.47 5.44 -17.69
C ASP A 165 8.33 6.42 -17.92
N PHE A 166 8.63 7.71 -17.85
CA PHE A 166 7.60 8.72 -17.97
C PHE A 166 6.94 8.71 -19.35
N ALA A 167 7.72 8.43 -20.40
CA ALA A 167 7.16 8.37 -21.74
C ALA A 167 6.07 7.30 -21.83
N ALA A 168 6.27 6.19 -21.15
CA ALA A 168 5.24 5.16 -21.10
C ALA A 168 3.96 5.67 -20.44
N VAL A 169 4.10 6.45 -19.37
CA VAL A 169 2.93 7.00 -18.70
C VAL A 169 2.19 7.96 -19.64
N VAL A 170 2.94 8.80 -20.34
CA VAL A 170 2.34 9.69 -21.34
C VAL A 170 1.51 8.88 -22.35
N GLY A 171 2.08 7.80 -22.87
CA GLY A 171 1.36 6.93 -23.79
C GLY A 171 0.13 6.25 -23.23
N LEU A 172 0.08 6.11 -21.91
CA LEU A 172 -1.04 5.45 -21.28
C LEU A 172 -2.20 6.40 -20.97
N VAL A 173 -1.89 7.65 -20.57
CA VAL A 173 -2.93 8.53 -20.04
C VAL A 173 -2.99 9.93 -20.65
N GLY A 174 -2.02 10.28 -21.50
CA GLY A 174 -1.95 11.63 -22.04
C GLY A 174 -0.83 12.45 -21.43
N ALA A 175 -0.31 13.40 -22.18
CA ALA A 175 0.82 14.20 -21.74
C ALA A 175 0.51 15.07 -20.51
N VAL A 176 -0.59 15.82 -20.54
CA VAL A 176 -0.94 16.68 -19.43
C VAL A 176 -1.29 15.82 -18.20
N ARG A 177 -2.06 14.76 -18.40
CA ARG A 177 -2.43 13.91 -17.27
C ARG A 177 -1.20 13.24 -16.66
N ALA A 178 -0.24 12.85 -17.48
CA ALA A 178 0.98 12.24 -16.94
C ALA A 178 1.74 13.21 -16.03
N ASN A 179 1.82 14.48 -16.44
CA ASN A 179 2.45 15.49 -15.61
C ASN A 179 1.72 15.63 -14.30
N GLN A 180 0.39 15.58 -14.35
CA GLN A 180 -0.42 15.70 -13.16
C GLN A 180 -0.19 14.52 -12.21
N LEU A 181 -0.13 13.30 -12.75
CA LEU A 181 0.10 12.13 -11.92
C LEU A 181 1.44 12.23 -11.23
N ARG A 182 2.46 12.64 -11.96
CA ARG A 182 3.81 12.76 -11.41
CA ARG A 182 3.80 12.75 -11.41
C ARG A 182 3.82 13.77 -10.27
N ASP A 183 3.27 14.94 -10.52
CA ASP A 183 3.30 16.02 -9.54
C ASP A 183 2.52 15.67 -8.29
N GLU A 184 1.31 15.13 -8.45
CA GLU A 184 0.49 14.82 -7.30
C GLU A 184 1.13 13.67 -6.51
N THR A 185 1.65 12.66 -7.19
CA THR A 185 2.26 11.52 -6.49
C THR A 185 3.41 12.00 -5.60
N ILE A 186 4.29 12.84 -6.12
CA ILE A 186 5.41 13.33 -5.34
C ILE A 186 4.95 14.25 -4.20
N LYS A 187 3.97 15.11 -4.45
CA LYS A 187 3.47 16.03 -3.43
C LYS A 187 2.86 15.27 -2.25
N ILE A 188 2.01 14.31 -2.56
CA ILE A 188 1.32 13.50 -1.55
CA ILE A 188 1.33 13.49 -1.55
C ILE A 188 2.32 12.67 -0.75
N TYR A 189 3.25 12.01 -1.44
CA TYR A 189 4.27 11.23 -0.76
C TYR A 189 5.09 12.11 0.17
N THR A 190 5.53 13.27 -0.30
CA THR A 190 6.37 14.16 0.51
C THR A 190 5.66 14.55 1.81
N ARG A 191 4.39 14.89 1.73
CA ARG A 191 3.61 15.27 2.90
C ARG A 191 3.50 14.11 3.89
N ALA A 192 3.07 12.96 3.41
CA ALA A 192 2.87 11.81 4.28
C ALA A 192 4.21 11.35 4.89
N ALA A 193 5.27 11.33 4.10
CA ALA A 193 6.57 10.85 4.60
C ALA A 193 7.09 11.77 5.70
N ALA A 194 6.91 13.07 5.54
CA ALA A 194 7.39 13.98 6.57
C ALA A 194 6.58 13.81 7.86
N HIS A 195 5.27 13.60 7.74
CA HIS A 195 4.44 13.38 8.91
C HIS A 195 4.88 12.12 9.65
N ALA A 196 5.07 11.03 8.92
CA ALA A 196 5.43 9.76 9.52
C ALA A 196 6.79 9.86 10.19
N LEU A 197 7.75 10.51 9.55
CA LEU A 197 9.11 10.59 10.07
C LEU A 197 9.14 11.37 11.37
N HIS A 198 8.30 12.38 11.46
CA HIS A 198 8.17 13.18 12.68
C HIS A 198 7.72 12.30 13.85
N LYS A 199 7.00 11.23 13.54
CA LYS A 199 6.47 10.26 14.51
C LYS A 199 7.37 9.02 14.65
N GLY A 200 8.53 9.02 14.00
CA GLY A 200 9.46 7.91 14.17
C GLY A 200 9.42 6.80 13.14
N ILE A 201 8.64 6.98 12.07
CA ILE A 201 8.50 5.97 11.04
C ILE A 201 8.92 6.54 9.69
N ILE A 202 9.78 5.84 8.97
CA ILE A 202 10.10 6.22 7.60
C ILE A 202 9.15 5.48 6.65
N LEU A 203 8.47 6.25 5.80
CA LEU A 203 7.74 5.69 4.66
C LEU A 203 8.72 5.72 3.50
N ALA A 204 9.33 4.59 3.20
CA ALA A 204 10.44 4.57 2.24
C ALA A 204 9.97 4.78 0.79
N ASP A 205 8.76 4.30 0.51
CA ASP A 205 8.18 4.39 -0.82
C ASP A 205 6.70 4.15 -0.66
N THR A 206 5.93 4.34 -1.72
CA THR A 206 4.50 4.12 -1.66
C THR A 206 3.95 3.96 -3.07
N LYS A 207 2.83 3.23 -3.17
CA LYS A 207 2.13 2.98 -4.43
C LYS A 207 0.69 3.46 -4.35
N PHE A 208 0.31 4.33 -5.29
CA PHE A 208 -1.04 4.91 -5.43
C PHE A 208 -1.72 4.41 -6.69
N GLU A 209 -3.04 4.32 -6.67
CA GLU A 209 -3.82 4.31 -7.91
C GLU A 209 -4.76 5.50 -7.92
N PHE A 210 -4.93 6.11 -9.10
CA PHE A 210 -5.84 7.23 -9.29
C PHE A 210 -6.93 6.88 -10.27
N GLY A 211 -8.06 7.55 -10.15
CA GLY A 211 -9.09 7.48 -11.16
C GLY A 211 -9.61 8.86 -11.51
N VAL A 212 -10.50 8.91 -12.48
CA VAL A 212 -11.09 10.18 -12.86
CA VAL A 212 -11.09 10.15 -12.93
C VAL A 212 -12.61 10.14 -12.71
N ASP A 213 -13.16 11.23 -12.21
CA ASP A 213 -14.60 11.30 -12.00
C ASP A 213 -15.29 11.82 -13.26
N ILE A 214 -16.60 12.06 -13.16
CA ILE A 214 -17.41 12.48 -14.30
C ILE A 214 -16.93 13.82 -14.87
N GLU A 215 -16.38 14.66 -14.01
CA GLU A 215 -15.98 16.01 -14.41
C GLU A 215 -14.56 16.06 -14.98
N GLY A 216 -13.85 14.94 -14.97
CA GLY A 216 -12.49 14.90 -15.46
C GLY A 216 -11.47 15.09 -14.36
N ASN A 217 -11.94 15.20 -13.12
CA ASN A 217 -11.07 15.45 -11.98
C ASN A 217 -10.30 14.20 -11.56
N LEU A 218 -9.03 14.40 -11.22
CA LEU A 218 -8.19 13.33 -10.70
C LEU A 218 -8.51 13.05 -9.24
N VAL A 219 -8.76 11.78 -8.93
CA VAL A 219 -9.18 11.36 -7.60
C VAL A 219 -8.31 10.21 -7.09
N LEU A 220 -7.76 10.36 -5.88
CA LEU A 220 -6.95 9.32 -5.26
C LEU A 220 -7.83 8.17 -4.79
N ALA A 221 -7.48 6.95 -5.19
CA ALA A 221 -8.33 5.81 -4.89
C ALA A 221 -7.57 4.74 -4.09
N ASP A 222 -8.05 3.50 -4.17
CA ASP A 222 -7.38 2.37 -3.54
C ASP A 222 -7.20 2.62 -2.04
N GLU A 223 -6.06 2.17 -1.51
CA GLU A 223 -5.71 2.42 -0.13
C GLU A 223 -4.44 3.25 -0.14
N VAL A 224 -4.24 4.04 0.90
CA VAL A 224 -3.11 4.92 0.89
C VAL A 224 -2.27 4.78 2.16
N PHE A 225 -0.97 4.63 1.92
CA PHE A 225 0.04 4.59 2.95
C PHE A 225 -0.21 3.51 3.99
N THR A 226 -0.66 2.35 3.55
CA THR A 226 -0.67 1.18 4.43
C THR A 226 0.68 0.50 4.35
N PRO A 227 0.99 -0.39 5.31
CA PRO A 227 2.26 -1.13 5.19
C PRO A 227 2.26 -2.17 4.07
N ASP A 228 1.11 -2.37 3.42
CA ASP A 228 1.06 -3.21 2.22
C ASP A 228 1.34 -2.40 0.96
N SER A 229 0.97 -1.12 0.96
CA SER A 229 1.16 -0.26 -0.19
C SER A 229 2.46 0.53 -0.11
N SER A 230 3.13 0.47 1.05
CA SER A 230 4.28 1.30 1.36
C SER A 230 5.27 0.54 2.23
N ARG A 231 6.56 0.76 2.06
CA ARG A 231 7.54 0.17 3.00
C ARG A 231 7.66 1.03 4.25
N TYR A 232 7.21 0.50 5.37
CA TYR A 232 7.39 1.12 6.68
C TYR A 232 8.71 0.66 7.31
N TRP A 233 9.53 1.63 7.73
CA TRP A 233 10.78 1.35 8.45
C TRP A 233 10.77 2.07 9.79
N ASP A 234 11.45 1.50 10.78
CA ASP A 234 11.70 2.21 12.03
C ASP A 234 12.82 3.24 11.84
N ALA A 235 12.48 4.52 11.98
CA ALA A 235 13.47 5.57 11.77
C ALA A 235 14.66 5.47 12.74
N ALA A 236 14.41 5.04 13.97
CA ALA A 236 15.45 4.97 14.98
C ALA A 236 16.55 3.96 14.61
N HIS A 237 16.26 3.09 13.65
CA HIS A 237 17.24 2.10 13.24
C HIS A 237 17.64 2.23 11.78
N TYR A 238 17.33 3.37 11.20
CA TYR A 238 17.69 3.57 9.80
C TYR A 238 19.21 3.62 9.63
N GLN A 239 19.71 2.74 8.78
CA GLN A 239 21.14 2.59 8.55
C GLN A 239 21.38 2.38 7.05
N PRO A 240 21.74 3.47 6.34
CA PRO A 240 21.95 3.30 4.91
C PRO A 240 23.05 2.27 4.63
N GLY A 241 22.87 1.48 3.58
CA GLY A 241 23.87 0.52 3.18
C GLY A 241 23.51 -0.93 3.46
N VAL A 242 22.51 -1.17 4.31
CA VAL A 242 22.03 -2.53 4.55
C VAL A 242 20.50 -2.57 4.34
N VAL A 243 19.94 -3.78 4.21
CA VAL A 243 18.49 -3.91 4.06
C VAL A 243 17.80 -3.56 5.38
N GLN A 244 16.83 -2.65 5.35
CA GLN A 244 16.08 -2.26 6.54
C GLN A 244 15.04 -3.31 6.88
N ASP A 245 14.84 -3.54 8.17
CA ASP A 245 13.75 -4.39 8.63
C ASP A 245 12.41 -3.83 8.21
N SER A 246 11.51 -4.71 7.79
CA SER A 246 10.11 -4.34 7.58
C SER A 246 9.48 -4.09 8.93
N PHE A 247 8.94 -2.89 9.18
CA PHE A 247 8.37 -2.58 10.48
C PHE A 247 7.32 -3.63 10.85
N ASP A 248 6.48 -3.99 9.89
CA ASP A 248 5.35 -4.87 10.16
C ASP A 248 5.63 -6.34 9.89
N LYS A 249 6.46 -6.66 8.90
CA LYS A 249 6.53 -8.05 8.42
C LYS A 249 7.83 -8.78 8.77
N GLN A 250 8.72 -8.15 9.51
CA GLN A 250 10.01 -8.80 9.72
C GLN A 250 9.93 -10.06 10.59
N PHE A 251 9.04 -10.09 11.57
CA PHE A 251 8.88 -11.32 12.36
C PHE A 251 8.47 -12.49 11.44
N VAL A 252 7.52 -12.24 10.55
CA VAL A 252 7.06 -13.25 9.59
C VAL A 252 8.20 -13.70 8.66
N ARG A 253 8.93 -12.74 8.11
CA ARG A 253 10.02 -13.07 7.19
C ARG A 253 11.10 -13.85 7.91
N ASN A 254 11.45 -13.45 9.13
CA ASN A 254 12.52 -14.13 9.86
C ASN A 254 12.13 -15.55 10.24
N TRP A 255 10.89 -15.76 10.65
CA TRP A 255 10.47 -17.10 11.01
C TRP A 255 10.44 -18.01 9.78
N LEU A 256 9.87 -17.53 8.68
CA LEU A 256 9.77 -18.34 7.47
C LEU A 256 11.13 -18.77 6.94
N THR A 257 12.12 -17.90 7.07
CA THR A 257 13.46 -18.21 6.55
C THR A 257 14.40 -18.71 7.66
N GLY A 258 13.83 -18.99 8.83
CA GLY A 258 14.61 -19.46 9.95
C GLY A 258 14.63 -20.97 10.05
N PRO A 259 15.24 -21.51 11.13
CA PRO A 259 15.44 -22.94 11.31
C PRO A 259 14.19 -23.70 11.77
N GLU A 260 13.14 -22.99 12.17
CA GLU A 260 11.95 -23.62 12.74
C GLU A 260 10.83 -23.88 11.74
N SER A 261 10.91 -23.27 10.56
CA SER A 261 9.80 -23.33 9.62
C SER A 261 9.80 -24.61 8.80
N GLY A 262 11.00 -25.14 8.53
CA GLY A 262 11.14 -26.29 7.66
C GLY A 262 10.91 -25.94 6.21
N TRP A 263 10.96 -24.65 5.89
CA TRP A 263 10.68 -24.19 4.52
C TRP A 263 11.93 -23.62 3.87
N ASP A 264 12.15 -23.99 2.61
CA ASP A 264 13.23 -23.40 1.82
C ASP A 264 12.63 -22.42 0.82
N ARG A 265 12.97 -21.14 0.96
CA ARG A 265 12.39 -20.09 0.11
C ARG A 265 12.77 -20.25 -1.35
N ALA A 266 13.95 -20.82 -1.59
CA ALA A 266 14.47 -21.00 -2.94
C ALA A 266 13.74 -22.11 -3.69
N SER A 267 12.99 -22.92 -2.95
CA SER A 267 12.20 -23.98 -3.55
C SER A 267 10.98 -23.40 -4.26
N ASP A 268 10.50 -22.28 -3.73
CA ASP A 268 9.30 -21.59 -4.23
C ASP A 268 8.07 -22.49 -4.18
N THR A 269 8.09 -23.45 -3.27
CA THR A 269 6.87 -24.15 -2.90
C THR A 269 6.13 -23.21 -1.96
N PRO A 270 4.80 -23.37 -1.82
CA PRO A 270 4.07 -22.52 -0.88
C PRO A 270 4.59 -22.68 0.55
N PRO A 271 4.75 -21.57 1.27
CA PRO A 271 5.26 -21.62 2.64
C PRO A 271 4.25 -22.22 3.61
N PRO A 272 4.72 -22.71 4.75
CA PRO A 272 3.87 -23.32 5.78
C PRO A 272 3.13 -22.27 6.62
N PRO A 273 2.13 -22.69 7.40
CA PRO A 273 1.43 -21.76 8.28
C PRO A 273 2.35 -21.18 9.35
N LEU A 274 2.01 -20.00 9.85
CA LEU A 274 2.79 -19.28 10.86
C LEU A 274 2.43 -19.69 12.27
N PRO A 275 3.41 -19.66 13.18
CA PRO A 275 3.07 -19.80 14.60
C PRO A 275 2.07 -18.74 15.06
N ASP A 276 1.12 -19.13 15.91
CA ASP A 276 0.17 -18.18 16.50
C ASP A 276 0.89 -16.99 17.11
N GLU A 277 2.01 -17.25 17.78
CA GLU A 277 2.77 -16.19 18.45
C GLU A 277 3.27 -15.17 17.45
N VAL A 278 3.67 -15.64 16.27
CA VAL A 278 4.19 -14.73 15.24
C VAL A 278 3.05 -13.87 14.71
N ALA A 279 1.86 -14.45 14.52
CA ALA A 279 0.70 -13.70 14.06
C ALA A 279 0.29 -12.63 15.06
N VAL A 280 0.28 -12.95 16.35
CA VAL A 280 -0.08 -11.99 17.39
C VAL A 280 0.95 -10.87 17.51
N ALA A 281 2.23 -11.23 17.42
CA ALA A 281 3.29 -10.22 17.47
C ALA A 281 3.18 -9.27 16.29
N THR A 282 2.79 -9.80 15.15
CA THR A 282 2.63 -9.02 13.92
C THR A 282 1.44 -8.05 14.04
N ARG A 283 0.33 -8.52 14.59
CA ARG A 283 -0.80 -7.65 14.92
C ARG A 283 -0.35 -6.46 15.79
N GLU A 284 0.50 -6.74 16.77
CA GLU A 284 0.99 -5.69 17.66
C GLU A 284 1.78 -4.63 16.91
N ARG A 285 2.57 -5.06 15.95
CA ARG A 285 3.36 -4.12 15.15
C ARG A 285 2.46 -3.21 14.32
N TYR A 286 1.40 -3.77 13.74
CA TYR A 286 0.44 -2.96 13.00
C TYR A 286 -0.23 -1.93 13.91
N ILE A 287 -0.64 -2.34 15.10
CA ILE A 287 -1.26 -1.40 16.01
C ILE A 287 -0.27 -0.32 16.44
N GLU A 288 0.98 -0.70 16.70
CA GLU A 288 1.98 0.29 17.09
C GLU A 288 2.18 1.33 15.99
N ALA A 289 2.30 0.86 14.75
CA ALA A 289 2.50 1.79 13.64
C ALA A 289 1.31 2.75 13.50
N TYR A 290 0.11 2.21 13.53
CA TYR A 290 -1.09 3.04 13.45
C TYR A 290 -1.17 4.09 14.55
N GLU A 291 -0.97 3.67 15.79
CA GLU A 291 -1.10 4.60 16.90
C GLU A 291 0.00 5.65 16.88
N ARG A 292 1.20 5.27 16.47
CA ARG A 292 2.27 6.27 16.43
C ARG A 292 2.02 7.32 15.35
N ILE A 293 1.55 6.90 14.18
CA ILE A 293 1.33 7.83 13.07
C ILE A 293 0.08 8.69 13.27
N SER A 294 -1.00 8.08 13.73
CA SER A 294 -2.29 8.77 13.80
C SER A 294 -2.51 9.58 15.08
N GLY A 295 -1.82 9.20 16.15
CA GLY A 295 -2.07 9.78 17.46
C GLY A 295 -3.39 9.34 18.06
N LEU A 296 -4.01 8.34 17.43
CA LEU A 296 -5.29 7.79 17.89
C LEU A 296 -5.09 6.41 18.51
N SER A 297 -6.11 5.94 19.25
CA SER A 297 -6.07 4.60 19.82
C SER A 297 -6.86 3.64 18.96
N PHE A 298 -6.25 2.51 18.63
CA PHE A 298 -6.96 1.52 17.82
C PHE A 298 -8.16 0.92 18.55
N SER A 299 -8.14 0.94 19.88
CA SER A 299 -9.29 0.46 20.64
C SER A 299 -10.56 1.28 20.40
N ASP A 300 -10.41 2.46 19.80
CA ASP A 300 -11.54 3.32 19.45
C ASP A 300 -12.05 3.10 18.02
N TRP A 301 -11.36 2.27 17.25
CA TRP A 301 -11.75 2.05 15.87
C TRP A 301 -12.92 1.07 15.80
N ILE A 302 -13.86 1.33 14.91
CA ILE A 302 -15.09 0.54 14.85
C ILE A 302 -14.82 -0.92 14.44
N GLY A 303 -15.71 -1.82 14.85
CA GLY A 303 -15.65 -3.21 14.45
C GLY A 303 -17.01 -3.86 14.63
N PRO A 304 -17.12 -5.16 14.30
CA PRO A 304 -18.38 -5.88 14.51
C PRO A 304 -18.64 -6.10 15.99
C10 Q0E B . -10.79 -0.28 -8.55
N12 Q0E B . -9.15 -1.64 -8.11
C15 Q0E B . -7.98 -2.24 -7.50
C17 Q0E B . -8.60 -4.56 -6.71
C20 Q0E B . -9.46 -3.64 -4.28
C21 Q0E B . -8.97 -2.73 -5.20
N01 Q0E B . -13.01 3.85 -6.62
C02 Q0E B . -12.86 2.92 -7.63
N03 Q0E B . -13.58 3.00 -8.74
C04 Q0E B . -13.45 2.11 -9.72
N05 Q0E B . -12.57 1.10 -9.63
C06 Q0E B . -11.78 0.93 -8.56
C07 Q0E B . -11.90 1.85 -7.50
C08 Q0E B . -11.06 1.75 -6.23
N09 Q0E B . -10.44 1.70 -5.27
C11 Q0E B . -9.67 -0.47 -7.76
N13 Q0E B . -9.88 -2.22 -9.08
C14 Q0E B . -10.89 -1.38 -9.38
C16 Q0E B . -8.52 -3.22 -6.47
N18 Q0E B . -9.07 -5.39 -5.80
C19 Q0E B . -9.50 -4.97 -4.61
S SO4 C . -3.80 -7.15 -3.84
O1 SO4 C . -5.05 -7.31 -3.08
O2 SO4 C . -3.93 -6.03 -4.77
O3 SO4 C . -3.49 -8.35 -4.61
O4 SO4 C . -2.72 -6.88 -2.90
S SO4 D . 9.27 -2.85 -5.43
O1 SO4 D . 8.74 -2.41 -6.70
O2 SO4 D . 8.20 -3.40 -4.59
O3 SO4 D . 9.92 -1.74 -4.73
O4 SO4 D . 10.29 -3.88 -5.62
C1 EDO E . 6.47 0.36 -3.92
O1 EDO E . 6.38 -1.00 -4.37
C2 EDO E . 5.64 0.49 -2.66
O2 EDO E . 6.26 -0.24 -1.57
#